data_2ZZ5
#
_entry.id   2ZZ5
#
_cell.length_a   59.556
_cell.length_b   64.359
_cell.length_c   61.539
_cell.angle_alpha   90.00
_cell.angle_beta   115.52
_cell.angle_gamma   90.00
#
_symmetry.space_group_name_H-M   'P 1 21 1'
#
loop_
_entity.id
_entity.type
_entity.pdbx_description
1 polymer "Orotidine 5'-phosphate decarboxylase"
2 non-polymer "6-cyanouridine 5'-phosphate"
3 water water
#
_entity_poly.entity_id   1
_entity_poly.type   'polypeptide(L)'
_entity_poly.pdbx_seq_one_letter_code
;GSHMRSRRVDVMDVMNRLILAMDLMNRDDALRVTGEVREYIDTVKIGYPLVLSEGMDIIAEFRKRFGCRIIAAFAVADIP
ETNEKICRATFKAGADAIIVHGFPGADSVRACLNVAEEMGREVFLLTEMSHPGAEMFIQGAADEIARMGVDLGVKNYVGP
STRPERLSRLREIIGQDSFLISPGVGAQGGDPGETLRFADAIIVGRSIYLADNPAAAAAGIIESIKDLRIPEDPAANKAR
KEAELAAATAEQ
;
_entity_poly.pdbx_strand_id   A,B
#
loop_
_chem_comp.id
_chem_comp.type
_chem_comp.name
_chem_comp.formula
6CN non-polymer '6-cyanouridine 5'-phosphate' 'C10 H12 N3 O9 P'
#
# COMPACT_ATOMS: atom_id res chain seq x y z
N MET A 12 -3.98 -16.04 17.08
CA MET A 12 -5.00 -16.45 16.05
C MET A 12 -4.97 -17.97 15.77
N ASP A 13 -6.10 -18.65 15.91
CA ASP A 13 -6.15 -20.07 15.66
C ASP A 13 -6.71 -20.32 14.25
N VAL A 14 -5.82 -20.51 13.26
CA VAL A 14 -6.22 -20.63 11.84
C VAL A 14 -6.62 -22.05 11.51
N MET A 15 -7.91 -22.22 11.15
CA MET A 15 -8.39 -23.56 10.85
C MET A 15 -7.56 -24.16 9.74
N ASN A 16 -7.12 -25.40 9.95
CA ASN A 16 -6.35 -26.15 8.95
C ASN A 16 -5.02 -25.52 8.49
N ARG A 17 -4.53 -24.48 9.20
CA ARG A 17 -3.28 -23.79 8.82
C ARG A 17 -3.29 -23.15 7.42
N LEU A 18 -4.50 -22.87 6.95
CA LEU A 18 -4.68 -22.50 5.54
C LEU A 18 -5.50 -21.20 5.50
N ILE A 19 -4.91 -20.15 4.92
CA ILE A 19 -5.57 -18.84 4.79
C ILE A 19 -5.83 -18.60 3.29
N LEU A 20 -7.08 -18.34 2.96
CA LEU A 20 -7.45 -18.08 1.57
C LEU A 20 -7.10 -16.60 1.19
N ALA A 21 -6.29 -16.37 0.14
CA ALA A 21 -6.11 -15.00 -0.36
C ALA A 21 -7.16 -14.76 -1.45
N MET A 22 -8.18 -14.01 -1.13
CA MET A 22 -9.32 -13.82 -2.05
C MET A 22 -9.09 -12.55 -2.88
N ASP A 23 -8.37 -12.74 -4.00
CA ASP A 23 -8.01 -11.63 -4.91
C ASP A 23 -8.82 -11.66 -6.19
N LEU A 24 -9.98 -12.34 -6.16
CA LEU A 24 -10.98 -12.14 -7.23
C LEU A 24 -11.54 -10.73 -7.11
N MET A 25 -11.90 -10.11 -8.23
CA MET A 25 -12.22 -8.70 -8.24
C MET A 25 -13.71 -8.43 -8.46
N ASN A 26 -14.53 -9.46 -8.56
CA ASN A 26 -15.94 -9.19 -8.48
C ASN A 26 -16.59 -9.91 -7.36
N ARG A 27 -17.54 -9.21 -6.80
CA ARG A 27 -18.23 -9.58 -5.60
C ARG A 27 -18.86 -10.97 -5.72
N ASP A 28 -19.52 -11.23 -6.83
CA ASP A 28 -20.21 -12.49 -6.95
C ASP A 28 -19.29 -13.66 -6.92
N ASP A 29 -18.21 -13.56 -7.67
CA ASP A 29 -17.27 -14.69 -7.74
C ASP A 29 -16.55 -14.86 -6.38
N ALA A 30 -16.11 -13.74 -5.79
CA ALA A 30 -15.41 -13.82 -4.50
C ALA A 30 -16.28 -14.45 -3.41
N LEU A 31 -17.55 -14.04 -3.34
CA LEU A 31 -18.49 -14.62 -2.41
C LEU A 31 -18.73 -16.12 -2.69
N ARG A 32 -18.89 -16.47 -3.94
CA ARG A 32 -19.15 -17.88 -4.29
C ARG A 32 -17.99 -18.75 -3.83
N VAL A 33 -16.77 -18.35 -4.21
CA VAL A 33 -15.60 -19.19 -3.95
C VAL A 33 -15.30 -19.33 -2.48
N THR A 34 -15.38 -18.22 -1.75
CA THR A 34 -15.17 -18.25 -0.31
C THR A 34 -16.21 -19.17 0.36
N GLY A 35 -17.48 -19.05 -0.06
CA GLY A 35 -18.57 -19.91 0.43
C GLY A 35 -18.28 -21.40 0.24
N GLU A 36 -17.66 -21.72 -0.88
CA GLU A 36 -17.43 -23.11 -1.26
C GLU A 36 -16.30 -23.69 -0.45
N VAL A 37 -15.42 -22.83 0.08
CA VAL A 37 -14.28 -23.39 0.82
C VAL A 37 -14.43 -23.22 2.35
N ARG A 38 -15.57 -22.66 2.77
N ARG A 38 -15.57 -22.64 2.73
CA ARG A 38 -15.80 -22.31 4.19
CA ARG A 38 -15.90 -22.32 4.12
C ARG A 38 -15.73 -23.50 5.16
C ARG A 38 -15.72 -23.48 5.11
N GLU A 39 -16.01 -24.71 4.68
CA GLU A 39 -15.82 -25.91 5.50
C GLU A 39 -14.39 -26.19 5.85
N TYR A 40 -13.45 -25.63 5.09
CA TYR A 40 -12.03 -25.88 5.23
C TYR A 40 -11.20 -24.75 5.87
N ILE A 41 -11.73 -23.54 5.77
CA ILE A 41 -10.93 -22.28 6.03
C ILE A 41 -11.81 -21.32 6.79
N ASP A 42 -11.31 -20.80 7.92
CA ASP A 42 -11.99 -19.79 8.74
C ASP A 42 -11.28 -18.43 8.76
N THR A 43 -10.33 -18.23 7.85
CA THR A 43 -9.51 -17.01 7.86
C THR A 43 -9.30 -16.65 6.41
N VAL A 44 -9.68 -15.41 6.05
CA VAL A 44 -9.59 -14.99 4.66
C VAL A 44 -8.79 -13.70 4.59
N LYS A 45 -7.86 -13.65 3.68
CA LYS A 45 -7.02 -12.48 3.45
C LYS A 45 -7.66 -11.70 2.31
N ILE A 46 -8.09 -10.48 2.57
CA ILE A 46 -8.74 -9.67 1.50
C ILE A 46 -7.82 -8.47 1.21
N GLY A 47 -7.47 -8.24 -0.05
CA GLY A 47 -6.55 -7.12 -0.37
C GLY A 47 -7.20 -6.07 -1.25
N TYR A 48 -6.34 -5.18 -1.77
CA TYR A 48 -6.84 -4.14 -2.61
C TYR A 48 -7.52 -4.57 -3.92
N PRO A 49 -7.06 -5.67 -4.58
CA PRO A 49 -7.81 -5.98 -5.82
C PRO A 49 -9.31 -6.11 -5.51
N LEU A 50 -9.68 -6.81 -4.45
CA LEU A 50 -11.14 -6.96 -4.15
C LEU A 50 -11.72 -5.65 -3.54
N VAL A 51 -11.00 -5.08 -2.55
CA VAL A 51 -11.51 -3.83 -1.95
C VAL A 51 -11.64 -2.63 -2.91
N LEU A 52 -10.68 -2.46 -3.82
CA LEU A 52 -10.78 -1.32 -4.79
C LEU A 52 -11.85 -1.57 -5.85
N SER A 53 -12.20 -2.83 -6.08
CA SER A 53 -13.26 -3.18 -7.03
C SER A 53 -14.64 -3.10 -6.39
N GLU A 54 -14.77 -3.48 -5.12
CA GLU A 54 -16.12 -3.62 -4.55
C GLU A 54 -16.38 -2.77 -3.30
N GLY A 55 -15.36 -2.08 -2.77
CA GLY A 55 -15.56 -1.23 -1.60
C GLY A 55 -15.22 -1.95 -0.30
N MET A 56 -14.98 -1.15 0.74
CA MET A 56 -14.76 -1.69 2.09
C MET A 56 -15.96 -2.43 2.67
N ASP A 57 -17.14 -2.18 2.10
N ASP A 57 -17.18 -2.21 2.16
CA ASP A 57 -18.37 -2.91 2.47
CA ASP A 57 -18.31 -2.99 2.70
C ASP A 57 -18.24 -4.42 2.26
C ASP A 57 -18.18 -4.47 2.36
N ILE A 58 -17.27 -4.81 1.44
CA ILE A 58 -17.01 -6.25 1.16
C ILE A 58 -16.56 -6.98 2.43
N ILE A 59 -15.88 -6.25 3.34
CA ILE A 59 -15.45 -6.89 4.61
C ILE A 59 -16.67 -7.28 5.48
N ALA A 60 -17.60 -6.36 5.62
CA ALA A 60 -18.88 -6.57 6.33
C ALA A 60 -19.67 -7.71 5.70
N GLU A 61 -19.70 -7.70 4.38
CA GLU A 61 -20.37 -8.79 3.68
C GLU A 61 -19.80 -10.19 3.97
N PHE A 62 -18.46 -10.31 3.96
CA PHE A 62 -17.85 -11.56 4.27
C PHE A 62 -18.12 -12.01 5.72
N ARG A 63 -18.06 -11.05 6.64
CA ARG A 63 -18.40 -11.35 8.04
C ARG A 63 -19.86 -11.84 8.18
N LYS A 64 -20.79 -11.21 7.45
CA LYS A 64 -22.20 -11.56 7.57
C LYS A 64 -22.39 -12.96 7.01
N ARG A 65 -21.75 -13.23 5.86
CA ARG A 65 -22.00 -14.47 5.15
C ARG A 65 -21.26 -15.63 5.73
N PHE A 66 -20.05 -15.39 6.24
CA PHE A 66 -19.19 -16.50 6.52
C PHE A 66 -18.63 -16.54 7.93
N GLY A 67 -18.55 -15.44 8.67
N GLY A 67 -18.52 -15.35 8.51
CA GLY A 67 -17.98 -15.64 10.02
CA GLY A 67 -17.98 -15.15 9.86
C GLY A 67 -16.61 -16.34 9.94
C GLY A 67 -16.47 -15.39 9.97
N CYS A 68 -15.74 -15.75 9.10
N CYS A 68 -15.81 -15.70 8.87
CA CYS A 68 -14.32 -16.07 8.94
CA CYS A 68 -14.37 -15.92 8.89
C CYS A 68 -13.59 -14.79 9.42
C CYS A 68 -13.66 -14.73 9.58
N ARG A 69 -12.43 -14.94 10.07
CA ARG A 69 -11.58 -13.78 10.44
C ARG A 69 -11.13 -13.10 9.13
N ILE A 70 -10.94 -11.78 9.16
CA ILE A 70 -10.52 -11.12 7.96
C ILE A 70 -9.19 -10.41 8.21
N ILE A 71 -8.20 -10.76 7.41
CA ILE A 71 -6.92 -10.06 7.40
C ILE A 71 -6.88 -9.12 6.19
N ALA A 72 -6.76 -7.82 6.44
CA ALA A 72 -6.67 -6.88 5.34
C ALA A 72 -5.22 -6.81 4.84
N ALA A 73 -5.04 -7.26 3.62
CA ALA A 73 -3.72 -7.36 3.00
C ALA A 73 -3.42 -6.07 2.29
N PHE A 74 -3.19 -4.99 3.05
CA PHE A 74 -3.08 -3.68 2.42
C PHE A 74 -1.64 -3.20 2.37
N ALA A 75 -0.67 -4.05 2.76
CA ALA A 75 0.77 -3.76 2.55
C ALA A 75 1.06 -2.30 2.89
N VAL A 76 0.63 -1.93 4.09
CA VAL A 76 0.59 -0.46 4.45
C VAL A 76 2.02 0.12 4.38
N ALA A 77 2.18 1.25 3.68
CA ALA A 77 3.55 1.68 3.36
C ALA A 77 3.64 3.19 3.19
N ASP A 78 3.04 3.90 4.13
CA ASP A 78 3.05 5.35 4.06
C ASP A 78 3.72 5.94 5.29
N ILE A 79 3.63 7.27 5.41
CA ILE A 79 4.18 7.99 6.58
C ILE A 79 3.31 7.63 7.82
N PRO A 80 3.83 7.82 9.04
CA PRO A 80 3.04 7.51 10.25
C PRO A 80 1.59 8.07 10.29
N GLU A 81 1.41 9.34 9.99
CA GLU A 81 0.07 10.00 10.06
C GLU A 81 -0.94 9.35 9.07
N THR A 82 -0.46 9.02 7.87
CA THR A 82 -1.34 8.37 6.90
C THR A 82 -1.60 6.90 7.25
N ASN A 83 -0.56 6.21 7.75
CA ASN A 83 -0.71 4.81 8.20
C ASN A 83 -1.77 4.75 9.29
N GLU A 84 -1.76 5.72 10.21
CA GLU A 84 -2.76 5.76 11.29
C GLU A 84 -4.20 5.84 10.68
N LYS A 85 -4.40 6.72 9.71
N LYS A 85 -4.39 6.73 9.70
CA LYS A 85 -5.73 6.84 9.09
CA LYS A 85 -5.71 6.88 9.04
C LYS A 85 -6.14 5.56 8.37
C LYS A 85 -6.15 5.60 8.32
N ILE A 86 -5.19 4.97 7.64
CA ILE A 86 -5.50 3.73 6.91
C ILE A 86 -5.92 2.60 7.87
N CYS A 87 -5.18 2.44 8.98
CA CYS A 87 -5.53 1.45 9.99
C CYS A 87 -6.90 1.76 10.58
N ARG A 88 -7.16 3.03 10.89
CA ARG A 88 -8.48 3.41 11.47
C ARG A 88 -9.63 3.04 10.57
N ALA A 89 -9.50 3.40 9.30
CA ALA A 89 -10.55 3.11 8.31
C ALA A 89 -10.77 1.60 8.15
N THR A 90 -9.68 0.84 8.21
CA THR A 90 -9.71 -0.60 7.90
C THR A 90 -10.33 -1.33 9.07
N PHE A 91 -9.93 -0.94 10.28
CA PHE A 91 -10.50 -1.59 11.49
C PHE A 91 -11.97 -1.15 11.72
N LYS A 92 -12.33 0.07 11.35
CA LYS A 92 -13.73 0.58 11.43
C LYS A 92 -14.64 -0.30 10.55
N ALA A 93 -14.12 -0.71 9.39
CA ALA A 93 -14.84 -1.56 8.44
C ALA A 93 -14.99 -3.00 8.92
N GLY A 94 -14.26 -3.40 9.95
CA GLY A 94 -14.43 -4.76 10.47
C GLY A 94 -13.26 -5.75 10.28
N ALA A 95 -12.12 -5.29 9.75
CA ALA A 95 -10.94 -6.23 9.67
C ALA A 95 -10.45 -6.67 11.04
N ASP A 96 -10.11 -7.95 11.18
CA ASP A 96 -9.45 -8.41 12.42
C ASP A 96 -7.98 -7.96 12.51
N ALA A 97 -7.32 -7.85 11.36
CA ALA A 97 -5.91 -7.57 11.32
C ALA A 97 -5.59 -6.87 10.02
N ILE A 98 -4.41 -6.26 10.02
CA ILE A 98 -3.92 -5.55 8.84
C ILE A 98 -2.43 -5.94 8.63
N ILE A 99 -2.04 -6.05 7.37
CA ILE A 99 -0.60 -6.31 7.00
C ILE A 99 0.07 -4.98 6.73
N VAL A 100 1.20 -4.79 7.39
CA VAL A 100 1.96 -3.55 7.27
C VAL A 100 3.39 -3.84 6.81
N HIS A 101 3.90 -3.04 5.86
CA HIS A 101 5.31 -3.14 5.44
C HIS A 101 6.24 -2.62 6.56
N GLY A 102 7.33 -3.35 6.80
CA GLY A 102 8.39 -2.83 7.67
C GLY A 102 9.41 -1.92 7.01
N PHE A 103 9.57 -2.00 5.69
N PHE A 103 9.55 -2.04 5.68
CA PHE A 103 10.65 -1.20 5.10
CA PHE A 103 10.58 -1.26 4.96
C PHE A 103 10.55 0.35 5.23
C PHE A 103 10.54 0.26 5.24
N PRO A 104 9.34 0.91 5.31
CA PRO A 104 9.31 2.36 5.67
C PRO A 104 9.80 2.73 7.08
N GLY A 105 10.13 1.73 7.91
CA GLY A 105 10.79 1.99 9.21
C GLY A 105 9.85 2.05 10.41
N ALA A 106 10.46 2.28 11.59
CA ALA A 106 9.82 1.94 12.84
C ALA A 106 8.65 2.84 13.19
N ASP A 107 8.79 4.14 12.89
CA ASP A 107 7.71 5.06 13.17
C ASP A 107 6.41 4.72 12.40
N SER A 108 6.55 4.34 11.13
CA SER A 108 5.40 3.91 10.34
C SER A 108 4.75 2.64 10.93
N VAL A 109 5.60 1.69 11.38
CA VAL A 109 5.05 0.49 11.98
C VAL A 109 4.35 0.86 13.32
N ARG A 110 5.00 1.67 14.16
N ARG A 110 5.00 1.67 14.14
CA ARG A 110 4.42 2.04 15.46
CA ARG A 110 4.45 2.02 15.45
C ARG A 110 3.03 2.65 15.31
C ARG A 110 3.08 2.71 15.36
N ALA A 111 2.89 3.51 14.30
CA ALA A 111 1.63 4.19 14.07
C ALA A 111 0.51 3.13 13.92
N CYS A 112 0.79 2.08 13.18
CA CYS A 112 -0.18 1.02 12.99
C CYS A 112 -0.40 0.26 14.32
N LEU A 113 0.69 -0.05 15.03
CA LEU A 113 0.51 -0.74 16.33
C LEU A 113 -0.33 0.07 17.28
N ASN A 114 -0.15 1.38 17.29
CA ASN A 114 -0.94 2.23 18.18
C ASN A 114 -2.42 2.16 17.90
N VAL A 115 -2.82 2.20 16.63
CA VAL A 115 -4.22 2.06 16.33
C VAL A 115 -4.72 0.68 16.65
N ALA A 116 -3.92 -0.35 16.35
CA ALA A 116 -4.41 -1.71 16.58
C ALA A 116 -4.59 -1.97 18.11
N GLU A 117 -3.65 -1.44 18.90
N GLU A 117 -3.69 -1.43 18.92
CA GLU A 117 -3.70 -1.52 20.37
CA GLU A 117 -3.80 -1.60 20.38
C GLU A 117 -5.03 -0.88 20.84
C GLU A 117 -5.03 -0.84 20.92
N GLU A 118 -5.32 0.32 20.34
CA GLU A 118 -6.48 1.11 20.70
C GLU A 118 -7.83 0.46 20.35
N MET A 119 -7.89 -0.19 19.21
CA MET A 119 -9.15 -0.81 18.75
C MET A 119 -9.19 -2.28 19.01
N GLY A 120 -8.15 -2.82 19.66
CA GLY A 120 -8.14 -4.26 19.95
C GLY A 120 -7.97 -5.21 18.76
N ARG A 121 -7.13 -4.84 17.80
CA ARG A 121 -6.95 -5.66 16.59
C ARG A 121 -5.46 -6.04 16.46
N GLU A 122 -5.09 -6.74 15.38
CA GLU A 122 -3.69 -7.20 15.17
C GLU A 122 -2.99 -6.60 13.95
N VAL A 123 -1.68 -6.40 14.10
CA VAL A 123 -0.81 -6.00 13.01
C VAL A 123 0.05 -7.20 12.63
N PHE A 124 0.13 -7.50 11.33
CA PHE A 124 1.13 -8.42 10.80
C PHE A 124 2.20 -7.60 10.13
N LEU A 125 3.46 -7.92 10.45
CA LEU A 125 4.59 -7.21 9.84
C LEU A 125 5.12 -7.98 8.65
N LEU A 126 5.08 -7.36 7.48
CA LEU A 126 5.62 -8.00 6.27
C LEU A 126 7.12 -7.70 6.25
N THR A 127 7.95 -8.77 6.19
N THR A 127 7.95 -8.74 6.33
CA THR A 127 9.44 -8.70 6.43
CA THR A 127 9.39 -8.49 6.29
C THR A 127 10.35 -8.88 5.18
C THR A 127 9.84 -8.71 4.83
N GLU A 128 10.10 -9.93 4.41
CA GLU A 128 10.65 -10.19 3.10
C GLU A 128 9.47 -10.64 2.25
N MET A 129 9.42 -10.13 1.04
CA MET A 129 8.35 -10.50 0.08
C MET A 129 8.74 -11.75 -0.78
N SER A 130 7.73 -12.36 -1.41
CA SER A 130 7.96 -13.68 -1.99
C SER A 130 8.36 -13.67 -3.49
N HIS A 131 8.18 -12.53 -4.17
CA HIS A 131 8.40 -12.41 -5.60
C HIS A 131 9.89 -12.18 -5.91
N PRO A 132 10.32 -12.43 -7.18
CA PRO A 132 11.74 -12.26 -7.54
C PRO A 132 12.30 -10.89 -7.19
N GLY A 133 11.62 -9.81 -7.55
CA GLY A 133 12.06 -8.47 -7.23
C GLY A 133 12.42 -8.21 -5.78
N ALA A 134 11.88 -9.01 -4.84
CA ALA A 134 12.19 -8.84 -3.42
C ALA A 134 13.72 -8.92 -3.19
N GLU A 135 14.46 -9.55 -4.12
CA GLU A 135 15.88 -9.76 -3.92
C GLU A 135 16.67 -8.47 -4.08
N MET A 136 16.08 -7.48 -4.79
CA MET A 136 16.82 -6.27 -5.12
C MET A 136 17.15 -5.39 -3.90
N PHE A 137 16.13 -5.12 -3.04
CA PHE A 137 16.26 -4.24 -1.89
C PHE A 137 15.75 -4.85 -0.59
N ILE A 138 14.62 -5.57 -0.68
CA ILE A 138 13.94 -5.95 0.59
C ILE A 138 14.73 -7.03 1.29
N GLN A 139 15.23 -7.98 0.51
CA GLN A 139 15.91 -9.12 1.12
C GLN A 139 17.09 -8.71 2.03
N GLY A 140 17.89 -7.75 1.55
CA GLY A 140 19.06 -7.29 2.33
C GLY A 140 18.65 -6.58 3.62
N ALA A 141 17.41 -6.08 3.68
CA ALA A 141 16.94 -5.34 4.86
C ALA A 141 16.13 -6.26 5.79
N ALA A 142 15.75 -7.42 5.28
CA ALA A 142 14.65 -8.18 5.95
C ALA A 142 15.00 -8.66 7.38
N ASP A 143 16.22 -9.15 7.57
CA ASP A 143 16.57 -9.61 8.93
C ASP A 143 16.52 -8.45 9.94
N GLU A 144 16.96 -7.27 9.53
CA GLU A 144 16.90 -6.06 10.38
C GLU A 144 15.45 -5.60 10.55
N ILE A 145 14.67 -5.73 9.48
CA ILE A 145 13.25 -5.41 9.64
C ILE A 145 12.56 -6.33 10.69
N ALA A 146 12.83 -7.63 10.61
CA ALA A 146 12.25 -8.60 11.54
C ALA A 146 12.74 -8.26 12.98
N ARG A 147 14.01 -7.92 13.13
CA ARG A 147 14.55 -7.61 14.49
C ARG A 147 13.86 -6.29 15.02
N MET A 148 13.65 -5.34 14.12
CA MET A 148 12.86 -4.09 14.44
C MET A 148 11.46 -4.41 14.96
N GLY A 149 10.78 -5.32 14.24
CA GLY A 149 9.49 -5.84 14.69
C GLY A 149 9.54 -6.43 16.06
N VAL A 150 10.56 -7.22 16.35
CA VAL A 150 10.63 -7.86 17.66
C VAL A 150 10.85 -6.77 18.72
N ASP A 151 11.77 -5.85 18.47
CA ASP A 151 11.95 -4.72 19.41
C ASP A 151 10.68 -3.89 19.62
N LEU A 152 9.86 -3.75 18.59
CA LEU A 152 8.63 -2.98 18.71
C LEU A 152 7.51 -3.80 19.39
N GLY A 153 7.71 -5.10 19.62
CA GLY A 153 6.68 -5.90 20.29
C GLY A 153 5.64 -6.50 19.33
N VAL A 154 6.00 -6.49 18.02
CA VAL A 154 5.22 -7.13 16.98
C VAL A 154 5.19 -8.63 17.25
N LYS A 155 3.99 -9.22 17.13
CA LYS A 155 3.80 -10.62 17.45
C LYS A 155 3.43 -11.47 16.23
N ASN A 156 3.09 -10.80 15.12
CA ASN A 156 2.61 -11.47 13.91
C ASN A 156 3.41 -10.97 12.72
N TYR A 157 3.83 -11.92 11.87
CA TYR A 157 4.77 -11.66 10.77
C TYR A 157 4.38 -12.39 9.51
N VAL A 158 4.91 -11.88 8.38
CA VAL A 158 4.66 -12.49 7.08
C VAL A 158 6.04 -12.66 6.42
N GLY A 159 6.31 -13.84 5.89
CA GLY A 159 7.56 -14.10 5.20
C GLY A 159 7.35 -15.11 4.08
N PRO A 160 8.35 -15.20 3.15
CA PRO A 160 8.16 -15.82 1.81
C PRO A 160 8.24 -17.34 1.72
N SER A 161 7.17 -17.95 1.19
CA SER A 161 7.16 -19.41 0.94
C SER A 161 8.23 -19.83 -0.08
N THR A 162 8.53 -18.92 -1.00
CA THR A 162 9.40 -19.19 -2.15
C THR A 162 10.91 -19.27 -1.76
N ARG A 163 11.28 -18.94 -0.51
CA ARG A 163 12.69 -18.98 -0.07
C ARG A 163 12.75 -19.60 1.35
N PRO A 164 12.65 -20.94 1.42
CA PRO A 164 12.52 -21.56 2.73
C PRO A 164 13.69 -21.19 3.66
N GLU A 165 14.91 -21.04 3.14
CA GLU A 165 16.09 -20.64 3.97
C GLU A 165 15.87 -19.23 4.63
N ARG A 166 15.19 -18.35 3.90
CA ARG A 166 14.84 -17.01 4.42
C ARG A 166 13.71 -17.11 5.41
N LEU A 167 12.74 -17.99 5.13
CA LEU A 167 11.62 -18.17 6.05
C LEU A 167 12.14 -18.77 7.36
N SER A 168 13.11 -19.66 7.24
CA SER A 168 13.77 -20.27 8.42
C SER A 168 14.45 -19.20 9.26
N ARG A 169 15.27 -18.40 8.62
CA ARG A 169 15.93 -17.28 9.35
C ARG A 169 14.91 -16.33 10.04
N LEU A 170 13.83 -15.96 9.34
N LEU A 170 13.84 -15.97 9.33
CA LEU A 170 12.85 -15.07 9.94
CA LEU A 170 12.81 -15.13 9.91
C LEU A 170 12.13 -15.74 11.15
C LEU A 170 12.25 -15.78 11.19
N ARG A 171 11.86 -17.06 11.11
CA ARG A 171 11.32 -17.79 12.27
C ARG A 171 12.33 -17.74 13.45
N GLU A 172 13.62 -17.92 13.13
CA GLU A 172 14.67 -17.83 14.16
C GLU A 172 14.58 -16.48 14.85
N ILE A 173 14.56 -15.42 14.04
CA ILE A 173 14.65 -14.07 14.62
C ILE A 173 13.43 -13.79 15.51
N ILE A 174 12.26 -14.20 15.06
CA ILE A 174 11.03 -13.81 15.79
C ILE A 174 10.69 -14.78 16.93
N GLY A 175 11.31 -15.97 16.91
CA GLY A 175 11.13 -16.94 18.02
C GLY A 175 9.90 -17.82 17.78
N GLN A 176 9.81 -18.86 18.60
CA GLN A 176 8.75 -19.84 18.46
C GLN A 176 7.39 -19.28 18.90
N ASP A 177 7.38 -18.24 19.74
CA ASP A 177 6.13 -17.73 20.27
C ASP A 177 5.41 -16.80 19.27
N SER A 178 6.16 -16.23 18.33
CA SER A 178 5.57 -15.32 17.35
C SER A 178 4.75 -16.12 16.36
N PHE A 179 3.81 -15.43 15.70
CA PHE A 179 2.91 -16.06 14.76
C PHE A 179 3.36 -15.69 13.33
N LEU A 180 3.54 -16.68 12.46
CA LEU A 180 4.16 -16.43 11.15
C LEU A 180 3.32 -17.01 10.05
N ILE A 181 2.92 -16.18 9.08
CA ILE A 181 2.11 -16.77 7.97
C ILE A 181 2.88 -16.51 6.70
N SER A 182 2.63 -17.30 5.65
CA SER A 182 3.57 -17.25 4.51
C SER A 182 2.84 -17.43 3.15
N PRO A 183 2.90 -16.40 2.27
CA PRO A 183 2.37 -16.49 0.92
C PRO A 183 3.44 -17.01 -0.06
N GLY A 184 3.02 -17.30 -1.28
CA GLY A 184 3.91 -17.90 -2.30
C GLY A 184 3.76 -19.38 -2.54
N VAL A 185 2.74 -19.99 -1.94
CA VAL A 185 2.50 -21.44 -2.06
C VAL A 185 1.63 -21.66 -3.27
N GLY A 186 2.04 -22.57 -4.13
CA GLY A 186 1.24 -22.86 -5.31
C GLY A 186 1.72 -22.11 -6.53
N ALA A 187 0.96 -21.05 -6.87
CA ALA A 187 1.21 -20.32 -8.11
C ALA A 187 2.65 -19.76 -8.19
N GLN A 188 3.22 -19.31 -7.07
CA GLN A 188 4.57 -18.74 -7.12
C GLN A 188 5.68 -19.78 -6.89
N GLY A 189 5.28 -21.01 -6.60
CA GLY A 189 6.16 -22.14 -6.57
C GLY A 189 6.51 -22.67 -5.19
N GLY A 190 6.03 -22.04 -4.11
CA GLY A 190 6.26 -22.59 -2.79
C GLY A 190 5.50 -23.91 -2.54
N ASP A 191 6.07 -24.78 -1.71
CA ASP A 191 5.46 -26.07 -1.28
C ASP A 191 4.79 -25.94 0.10
N PRO A 192 3.51 -26.38 0.26
CA PRO A 192 2.76 -26.28 1.54
C PRO A 192 3.53 -26.95 2.70
N GLY A 193 3.92 -28.22 2.55
CA GLY A 193 4.70 -28.98 3.58
C GLY A 193 6.01 -28.33 4.05
N GLU A 194 6.84 -27.95 3.09
N GLU A 194 6.89 -28.04 3.09
CA GLU A 194 8.11 -27.31 3.37
CA GLU A 194 8.13 -27.31 3.34
C GLU A 194 7.97 -25.92 4.01
C GLU A 194 7.81 -26.06 4.18
N THR A 195 6.87 -25.24 3.69
CA THR A 195 6.62 -23.93 4.28
C THR A 195 6.20 -24.09 5.73
N LEU A 196 5.37 -25.10 5.97
CA LEU A 196 4.76 -25.28 7.29
C LEU A 196 5.77 -25.86 8.30
N ARG A 197 6.99 -26.15 7.86
N ARG A 197 6.98 -26.17 7.85
CA ARG A 197 8.07 -26.46 8.81
CA ARG A 197 8.05 -26.46 8.81
C ARG A 197 8.54 -25.22 9.56
C ARG A 197 8.28 -25.22 9.68
N PHE A 198 8.18 -24.03 9.05
CA PHE A 198 8.54 -22.76 9.71
C PHE A 198 7.36 -21.83 10.00
N ALA A 199 6.48 -21.67 9.02
CA ALA A 199 5.21 -20.94 9.21
C ALA A 199 4.12 -21.67 10.00
N ASP A 200 3.38 -20.90 10.82
CA ASP A 200 2.16 -21.43 11.46
C ASP A 200 1.03 -21.70 10.47
N ALA A 201 0.94 -20.87 9.42
CA ALA A 201 -0.12 -21.03 8.45
C ALA A 201 0.39 -20.59 7.08
N ILE A 202 -0.21 -21.13 6.03
CA ILE A 202 0.14 -20.75 4.67
C ILE A 202 -1.02 -19.94 4.06
N ILE A 203 -0.66 -19.00 3.18
CA ILE A 203 -1.61 -18.20 2.48
C ILE A 203 -1.64 -18.78 1.07
N VAL A 204 -2.85 -19.01 0.53
CA VAL A 204 -2.97 -19.61 -0.79
C VAL A 204 -4.08 -18.87 -1.57
N GLY A 205 -3.76 -18.28 -2.74
CA GLY A 205 -4.78 -17.58 -3.54
C GLY A 205 -5.11 -18.40 -4.79
N ARG A 206 -4.32 -18.20 -5.86
CA ARG A 206 -4.67 -18.71 -7.18
C ARG A 206 -4.89 -20.25 -7.23
N SER A 207 -4.10 -21.02 -6.48
CA SER A 207 -4.24 -22.51 -6.48
C SER A 207 -5.63 -22.95 -6.02
N ILE A 208 -6.26 -22.11 -5.23
CA ILE A 208 -7.65 -22.34 -4.80
C ILE A 208 -8.62 -21.59 -5.68
N TYR A 209 -8.49 -20.25 -5.77
CA TYR A 209 -9.58 -19.51 -6.40
C TYR A 209 -9.70 -19.59 -7.90
N LEU A 210 -8.65 -20.08 -8.58
CA LEU A 210 -8.73 -20.29 -10.02
C LEU A 210 -9.03 -21.79 -10.37
N ALA A 211 -9.12 -22.63 -9.35
CA ALA A 211 -9.47 -24.07 -9.60
C ALA A 211 -10.92 -24.22 -10.08
N ASP A 212 -11.16 -25.22 -10.93
CA ASP A 212 -12.51 -25.55 -11.32
C ASP A 212 -13.38 -25.87 -10.09
N ASN A 213 -12.77 -26.52 -9.09
CA ASN A 213 -13.45 -26.91 -7.86
C ASN A 213 -12.63 -26.35 -6.67
N PRO A 214 -12.88 -25.06 -6.30
CA PRO A 214 -12.04 -24.55 -5.17
C PRO A 214 -12.01 -25.43 -3.93
N ALA A 215 -13.17 -26.01 -3.58
CA ALA A 215 -13.23 -26.85 -2.37
C ALA A 215 -12.34 -28.08 -2.47
N ALA A 216 -12.36 -28.75 -3.63
CA ALA A 216 -11.44 -29.86 -3.88
C ALA A 216 -9.98 -29.38 -3.83
N ALA A 217 -9.69 -28.19 -4.34
CA ALA A 217 -8.32 -27.71 -4.32
C ALA A 217 -7.85 -27.50 -2.87
N ALA A 218 -8.71 -26.88 -2.07
CA ALA A 218 -8.41 -26.63 -0.63
C ALA A 218 -8.25 -28.00 0.15
N ALA A 219 -9.20 -28.90 -0.06
CA ALA A 219 -9.19 -30.22 0.54
C ALA A 219 -7.90 -30.95 0.21
N GLY A 220 -7.48 -30.85 -1.06
CA GLY A 220 -6.24 -31.41 -1.58
C GLY A 220 -5.02 -30.87 -0.86
N ILE A 221 -4.95 -29.55 -0.68
CA ILE A 221 -3.79 -28.94 -0.01
C ILE A 221 -3.76 -29.41 1.45
N ILE A 222 -4.92 -29.40 2.08
CA ILE A 222 -5.05 -29.77 3.48
C ILE A 222 -4.68 -31.22 3.70
N GLU A 223 -5.19 -32.10 2.85
CA GLU A 223 -4.89 -33.51 2.96
C GLU A 223 -3.34 -33.74 2.84
N SER A 224 -2.68 -32.96 1.98
CA SER A 224 -1.21 -32.93 1.94
C SER A 224 -0.70 -31.99 3.05
N MET B 12 3.02 16.35 -17.65
CA MET B 12 1.94 16.82 -16.75
C MET B 12 2.15 18.30 -16.43
N ASP B 13 1.14 19.14 -16.68
CA ASP B 13 1.22 20.56 -16.32
C ASP B 13 0.37 20.87 -15.09
N VAL B 14 1.01 21.00 -13.93
CA VAL B 14 0.26 21.20 -12.69
C VAL B 14 0.03 22.69 -12.46
N MET B 15 -1.25 23.13 -12.38
CA MET B 15 -1.50 24.56 -12.19
C MET B 15 -0.87 25.06 -10.90
N ASN B 16 -0.14 26.17 -10.99
CA ASN B 16 0.54 26.76 -9.83
C ASN B 16 1.57 25.86 -9.12
N ARG B 17 1.95 24.75 -9.74
N ARG B 17 1.93 24.74 -9.76
CA ARG B 17 3.00 23.86 -9.18
CA ARG B 17 2.93 23.80 -9.25
C ARG B 17 2.53 23.27 -7.84
C ARG B 17 2.53 23.29 -7.87
N LEU B 18 1.22 23.30 -7.61
CA LEU B 18 0.70 22.89 -6.30
C LEU B 18 -0.32 21.80 -6.43
N ILE B 19 -0.05 20.68 -5.79
CA ILE B 19 -1.00 19.54 -5.76
C ILE B 19 -1.57 19.40 -4.36
N LEU B 20 -2.90 19.39 -4.26
CA LEU B 20 -3.53 19.19 -2.98
C LEU B 20 -3.58 17.71 -2.56
N ALA B 21 -3.10 17.37 -1.36
CA ALA B 21 -3.20 15.99 -0.85
C ALA B 21 -4.47 15.97 -0.04
N MET B 22 -5.51 15.39 -0.61
CA MET B 22 -6.85 15.40 0.03
C MET B 22 -7.03 14.16 0.94
N ASP B 23 -6.53 14.26 2.18
CA ASP B 23 -6.54 13.15 3.10
C ASP B 23 -7.59 13.34 4.21
N LEU B 24 -8.56 14.25 4.01
CA LEU B 24 -9.79 14.30 4.85
C LEU B 24 -10.58 13.01 4.65
N MET B 25 -11.30 12.57 5.67
CA MET B 25 -11.86 11.22 5.59
C MET B 25 -13.37 11.19 5.44
N ASN B 26 -13.94 12.33 5.21
CA ASN B 26 -15.35 12.27 4.85
C ASN B 26 -15.64 13.11 3.64
N ARG B 27 -16.55 12.56 2.87
CA ARG B 27 -16.96 13.11 1.61
C ARG B 27 -17.32 14.59 1.66
N ASP B 28 -18.14 14.98 2.64
CA ASP B 28 -18.59 16.37 2.76
C ASP B 28 -17.43 17.34 2.95
N ASP B 29 -16.58 17.05 3.92
CA ASP B 29 -15.44 17.95 4.17
C ASP B 29 -14.47 17.95 2.99
N ALA B 30 -14.23 16.78 2.41
CA ALA B 30 -13.27 16.68 1.27
C ALA B 30 -13.75 17.48 0.08
N LEU B 31 -15.05 17.38 -0.25
CA LEU B 31 -15.59 18.15 -1.40
C LEU B 31 -15.60 19.64 -1.09
N ARG B 32 -15.95 20.00 0.14
CA ARG B 32 -16.03 21.42 0.52
CA ARG B 32 -16.01 21.42 0.53
C ARG B 32 -14.65 22.09 0.45
N VAL B 33 -13.64 21.48 1.08
CA VAL B 33 -12.27 21.98 1.07
C VAL B 33 -11.72 22.04 -0.34
N THR B 34 -11.89 20.96 -1.11
CA THR B 34 -11.41 20.99 -2.49
C THR B 34 -12.10 22.13 -3.30
N GLY B 35 -13.43 22.27 -3.15
CA GLY B 35 -14.15 23.38 -3.78
C GLY B 35 -13.60 24.75 -3.39
N GLU B 36 -13.19 24.91 -2.13
CA GLU B 36 -12.64 26.17 -1.66
C GLU B 36 -11.31 26.52 -2.34
N VAL B 37 -10.51 25.51 -2.69
CA VAL B 37 -9.22 25.80 -3.31
C VAL B 37 -9.17 25.59 -4.82
N ARG B 38 -10.30 25.34 -5.47
CA ARG B 38 -10.28 24.91 -6.87
C ARG B 38 -9.77 26.00 -7.79
N GLU B 39 -9.92 27.26 -7.37
CA GLU B 39 -9.41 28.37 -8.16
C GLU B 39 -7.90 28.25 -8.34
N TYR B 40 -7.25 27.58 -7.40
CA TYR B 40 -5.79 27.64 -7.31
C TYR B 40 -5.10 26.41 -7.82
N ILE B 41 -5.84 25.29 -7.90
N ILE B 41 -5.86 25.32 -7.94
CA ILE B 41 -5.25 23.93 -8.02
CA ILE B 41 -5.26 24.08 -8.34
C ILE B 41 -6.07 23.08 -9.03
C ILE B 41 -6.02 23.45 -9.47
N ASP B 42 -5.41 22.41 -9.99
CA ASP B 42 -6.11 21.54 -10.94
C ASP B 42 -5.68 20.11 -10.85
N THR B 43 -4.96 19.76 -9.76
CA THR B 43 -4.40 18.40 -9.60
C THR B 43 -4.59 18.00 -8.12
N VAL B 44 -5.24 16.86 -7.89
CA VAL B 44 -5.54 16.43 -6.50
C VAL B 44 -4.98 15.04 -6.30
N LYS B 45 -4.26 14.85 -5.19
CA LYS B 45 -3.73 13.54 -4.85
C LYS B 45 -4.72 12.95 -3.84
N ILE B 46 -5.32 11.84 -4.23
CA ILE B 46 -6.34 11.20 -3.35
C ILE B 46 -5.70 9.86 -2.94
N GLY B 47 -5.71 9.60 -1.63
CA GLY B 47 -5.03 8.40 -1.10
C GLY B 47 -6.03 7.48 -0.38
N TYR B 48 -5.48 6.49 0.30
CA TYR B 48 -6.34 5.50 0.94
C TYR B 48 -7.17 6.06 2.09
N PRO B 49 -6.71 7.10 2.81
CA PRO B 49 -7.63 7.63 3.87
C PRO B 49 -9.02 7.99 3.32
N LEU B 50 -9.07 8.74 2.23
CA LEU B 50 -10.33 9.10 1.61
C LEU B 50 -11.00 7.92 0.90
N VAL B 51 -10.24 7.20 0.07
CA VAL B 51 -10.81 6.06 -0.68
C VAL B 51 -11.38 4.91 0.21
N LEU B 52 -10.68 4.59 1.29
CA LEU B 52 -11.15 3.56 2.19
C LEU B 52 -12.36 4.04 3.04
N SER B 53 -12.49 5.33 3.21
CA SER B 53 -13.61 5.84 3.99
C SER B 53 -14.82 6.04 3.11
N GLU B 54 -14.61 6.42 1.83
CA GLU B 54 -15.72 6.82 0.99
C GLU B 54 -15.95 6.00 -0.25
N GLY B 55 -15.00 5.14 -0.61
CA GLY B 55 -15.14 4.35 -1.80
C GLY B 55 -14.40 4.96 -2.98
N MET B 56 -14.12 4.09 -3.94
CA MET B 56 -13.41 4.49 -5.19
C MET B 56 -14.26 5.41 -6.04
N ASP B 57 -15.59 5.44 -5.81
N ASP B 57 -15.57 5.41 -5.78
CA ASP B 57 -16.45 6.37 -6.58
CA ASP B 57 -16.53 6.30 -6.43
C ASP B 57 -16.07 7.83 -6.31
C ASP B 57 -16.20 7.79 -6.20
N ILE B 58 -15.37 8.11 -5.20
CA ILE B 58 -15.03 9.51 -4.89
C ILE B 58 -14.18 10.10 -6.01
N ILE B 59 -13.42 9.25 -6.70
CA ILE B 59 -12.57 9.71 -7.82
C ILE B 59 -13.44 10.32 -8.96
N ALA B 60 -14.44 9.54 -9.40
CA ALA B 60 -15.40 10.04 -10.38
C ALA B 60 -16.08 11.30 -9.89
N GLU B 61 -16.38 11.35 -8.59
CA GLU B 61 -17.10 12.49 -8.10
C GLU B 61 -16.22 13.76 -8.15
N PHE B 62 -14.91 13.62 -7.85
CA PHE B 62 -14.01 14.78 -7.97
C PHE B 62 -13.89 15.23 -9.43
N ARG B 63 -13.86 14.28 -10.36
CA ARG B 63 -13.73 14.68 -11.77
C ARG B 63 -14.98 15.43 -12.22
N LYS B 64 -16.14 14.90 -11.84
CA LYS B 64 -17.42 15.51 -12.15
C LYS B 64 -17.50 16.93 -11.57
N ARG B 65 -17.15 17.11 -10.29
CA ARG B 65 -17.34 18.41 -9.61
C ARG B 65 -16.32 19.49 -10.02
N PHE B 66 -15.09 19.01 -10.28
CA PHE B 66 -13.88 19.88 -10.39
C PHE B 66 -13.12 19.75 -11.70
N GLY B 67 -13.21 18.61 -12.37
CA GLY B 67 -12.37 18.41 -13.53
C GLY B 67 -10.87 18.52 -13.20
N CYS B 68 -10.47 18.15 -11.99
CA CYS B 68 -9.04 18.13 -11.67
C CYS B 68 -8.44 16.83 -12.17
N ARG B 69 -7.12 16.79 -12.41
CA ARG B 69 -6.38 15.53 -12.57
C ARG B 69 -6.35 14.84 -11.21
N ILE B 70 -6.43 13.51 -11.20
CA ILE B 70 -6.36 12.76 -9.95
C ILE B 70 -5.16 11.82 -9.99
N ILE B 71 -4.31 11.97 -8.99
CA ILE B 71 -3.21 11.07 -8.73
C ILE B 71 -3.61 10.17 -7.57
N ALA B 72 -3.65 8.87 -7.81
CA ALA B 72 -3.99 7.91 -6.75
C ALA B 72 -2.73 7.60 -5.93
N ALA B 73 -2.73 8.03 -4.68
CA ALA B 73 -1.55 7.97 -3.81
C ALA B 73 -1.64 6.66 -3.05
N PHE B 74 -1.48 5.56 -3.78
CA PHE B 74 -1.72 4.22 -3.22
C PHE B 74 -0.42 3.50 -2.81
N ALA B 75 0.73 4.16 -2.94
CA ALA B 75 2.01 3.61 -2.46
C ALA B 75 2.09 2.12 -2.81
N VAL B 76 1.88 1.80 -4.08
CA VAL B 76 1.64 0.39 -4.45
C VAL B 76 2.88 -0.43 -4.10
N ALA B 77 2.71 -1.54 -3.37
CA ALA B 77 3.86 -2.23 -2.86
C ALA B 77 3.61 -3.76 -2.72
N ASP B 78 3.09 -4.39 -3.78
CA ASP B 78 2.80 -5.79 -3.73
C ASP B 78 3.59 -6.57 -4.79
N ILE B 79 3.28 -7.87 -4.97
CA ILE B 79 3.97 -8.64 -5.97
C ILE B 79 3.40 -8.20 -7.35
N PRO B 80 4.11 -8.51 -8.43
CA PRO B 80 3.69 -8.02 -9.77
C PRO B 80 2.23 -8.32 -10.08
N GLU B 81 1.78 -9.55 -9.88
CA GLU B 81 0.41 -9.92 -10.28
C GLU B 81 -0.65 -9.05 -9.52
N THR B 82 -0.38 -8.83 -8.24
CA THR B 82 -1.28 -8.04 -7.41
C THR B 82 -1.19 -6.55 -7.80
N ASN B 83 0.04 -6.08 -8.04
CA ASN B 83 0.14 -4.69 -8.48
C ASN B 83 -0.63 -4.49 -9.75
N GLU B 84 -0.56 -5.43 -10.69
CA GLU B 84 -1.31 -5.27 -11.93
C GLU B 84 -2.82 -5.08 -11.64
N LYS B 85 -3.38 -5.85 -10.71
N LYS B 85 -3.36 -5.90 -10.74
CA LYS B 85 -4.82 -5.77 -10.42
CA LYS B 85 -4.79 -5.84 -10.35
C LYS B 85 -5.21 -4.46 -9.71
C LYS B 85 -5.16 -4.46 -9.77
N ILE B 86 -4.32 -3.98 -8.85
CA ILE B 86 -4.52 -2.70 -8.17
C ILE B 86 -4.52 -1.55 -9.22
N CYS B 87 -3.58 -1.54 -10.15
CA CYS B 87 -3.56 -0.53 -11.18
C CYS B 87 -4.78 -0.59 -12.06
N ARG B 88 -5.22 -1.82 -12.38
N ARG B 88 -5.23 -1.80 -12.44
CA ARG B 88 -6.42 -2.00 -13.19
CA ARG B 88 -6.46 -1.85 -13.24
C ARG B 88 -7.67 -1.39 -12.53
C ARG B 88 -7.64 -1.22 -12.49
N ALA B 89 -7.85 -1.65 -11.24
CA ALA B 89 -8.99 -1.17 -10.46
C ALA B 89 -8.94 0.32 -10.36
N THR B 90 -7.74 0.82 -10.13
CA THR B 90 -7.52 2.26 -9.90
C THR B 90 -7.78 3.10 -11.14
N PHE B 91 -7.24 2.66 -12.28
CA PHE B 91 -7.51 3.38 -13.49
C PHE B 91 -8.95 3.25 -13.98
N LYS B 92 -9.59 2.09 -13.76
CA LYS B 92 -11.02 1.91 -14.08
C LYS B 92 -11.84 2.95 -13.33
N ALA B 93 -11.40 3.29 -12.11
CA ALA B 93 -12.08 4.25 -11.28
C ALA B 93 -11.85 5.70 -11.76
N GLY B 94 -10.94 5.90 -12.71
CA GLY B 94 -10.76 7.23 -13.32
C GLY B 94 -9.51 7.99 -12.84
N ALA B 95 -8.62 7.34 -12.05
CA ALA B 95 -7.33 8.00 -11.71
C ALA B 95 -6.50 8.28 -12.98
N ASP B 96 -5.85 9.42 -13.04
CA ASP B 96 -4.93 9.72 -14.16
C ASP B 96 -3.54 9.12 -13.95
N ALA B 97 -3.17 8.87 -12.68
CA ALA B 97 -1.82 8.45 -12.37
C ALA B 97 -1.90 7.68 -11.08
N ILE B 98 -0.87 6.86 -10.86
CA ILE B 98 -0.76 6.14 -9.58
C ILE B 98 0.69 6.21 -9.05
N ILE B 99 0.77 6.23 -7.73
CA ILE B 99 2.08 6.22 -7.07
C ILE B 99 2.46 4.82 -6.69
N VAL B 100 3.68 4.41 -7.07
CA VAL B 100 4.12 3.08 -6.85
C VAL B 100 5.49 3.09 -6.11
N HIS B 101 5.62 2.24 -5.09
CA HIS B 101 6.92 2.11 -4.42
C HIS B 101 7.95 1.42 -5.29
N GLY B 102 9.18 1.95 -5.24
CA GLY B 102 10.28 1.17 -5.89
C GLY B 102 10.96 0.06 -5.06
N PHE B 103 10.80 0.13 -3.74
N PHE B 103 10.84 0.12 -3.73
CA PHE B 103 11.55 -0.72 -2.86
CA PHE B 103 11.63 -0.80 -2.91
C PHE B 103 11.28 -2.21 -3.09
C PHE B 103 11.31 -2.27 -3.17
N PRO B 104 10.03 -2.61 -3.48
CA PRO B 104 9.79 -4.06 -3.86
C PRO B 104 10.44 -4.54 -5.14
N GLY B 105 11.07 -3.61 -5.90
CA GLY B 105 11.88 -4.07 -7.03
C GLY B 105 11.28 -3.97 -8.41
N ALA B 106 12.09 -4.32 -9.42
CA ALA B 106 11.83 -3.91 -10.79
C ALA B 106 10.59 -4.56 -11.40
N ASP B 107 10.38 -5.84 -11.07
CA ASP B 107 9.23 -6.60 -11.63
C ASP B 107 7.89 -6.00 -11.14
N SER B 108 7.85 -5.57 -9.87
CA SER B 108 6.64 -4.96 -9.31
C SER B 108 6.37 -3.60 -9.96
N VAL B 109 7.42 -2.82 -10.22
CA VAL B 109 7.21 -1.54 -10.90
C VAL B 109 6.81 -1.75 -12.40
N ARG B 110 7.47 -2.70 -13.07
CA ARG B 110 7.16 -2.99 -14.50
C ARG B 110 5.69 -3.41 -14.62
N ALA B 111 5.15 -4.18 -13.67
CA ALA B 111 3.72 -4.57 -13.74
C ALA B 111 2.77 -3.37 -13.81
N CYS B 112 3.08 -2.33 -13.01
CA CYS B 112 2.33 -1.07 -12.99
C CYS B 112 2.54 -0.28 -14.30
N LEU B 113 3.78 -0.18 -14.75
CA LEU B 113 4.05 0.50 -16.04
C LEU B 113 3.24 -0.14 -17.17
N ASN B 114 3.17 -1.48 -17.18
CA ASN B 114 2.43 -2.22 -18.25
C ASN B 114 0.95 -1.82 -18.29
N VAL B 115 0.31 -1.80 -17.15
CA VAL B 115 -1.08 -1.45 -17.10
C VAL B 115 -1.24 0.01 -17.49
N ALA B 116 -0.39 0.90 -16.95
CA ALA B 116 -0.48 2.33 -17.27
C ALA B 116 -0.39 2.54 -18.79
N GLU B 117 0.55 1.85 -19.42
CA GLU B 117 0.72 1.92 -20.87
C GLU B 117 -0.53 1.49 -21.62
N GLU B 118 -1.15 0.42 -21.15
CA GLU B 118 -2.34 -0.11 -21.81
C GLU B 118 -3.54 0.87 -21.70
N MET B 119 -3.54 1.70 -20.68
CA MET B 119 -4.68 2.51 -20.29
C MET B 119 -4.46 4.01 -20.48
N GLY B 120 -3.28 4.40 -20.99
CA GLY B 120 -2.97 5.84 -21.19
C GLY B 120 -2.90 6.58 -19.87
N ARG B 121 -2.22 5.97 -18.89
CA ARG B 121 -2.04 6.61 -17.60
C ARG B 121 -0.56 6.77 -17.24
N GLU B 122 -0.29 7.35 -16.09
CA GLU B 122 1.10 7.61 -15.67
C GLU B 122 1.36 6.91 -14.34
N VAL B 123 2.57 6.38 -14.20
CA VAL B 123 3.07 5.85 -12.94
C VAL B 123 4.08 6.89 -12.40
N PHE B 124 3.96 7.18 -11.11
CA PHE B 124 4.96 7.94 -10.40
C PHE B 124 5.71 6.93 -9.52
N LEU B 125 7.04 6.94 -9.57
CA LEU B 125 7.88 6.08 -8.73
C LEU B 125 8.31 6.81 -7.46
N LEU B 126 7.88 6.26 -6.31
CA LEU B 126 8.23 6.86 -5.04
C LEU B 126 9.59 6.25 -4.68
N THR B 127 10.57 7.15 -4.57
N THR B 127 10.60 7.12 -4.50
CA THR B 127 11.92 6.73 -4.35
CA THR B 127 11.99 6.64 -4.38
C THR B 127 12.07 6.81 -2.82
C THR B 127 12.64 6.80 -2.97
N GLU B 128 12.48 7.96 -2.33
CA GLU B 128 12.78 8.15 -0.92
C GLU B 128 11.54 8.81 -0.28
N MET B 129 11.15 8.31 0.88
CA MET B 129 9.99 8.87 1.62
C MET B 129 10.42 10.03 2.54
N SER B 130 9.45 10.86 2.93
CA SER B 130 9.73 12.12 3.60
C SER B 130 9.75 12.02 5.13
N HIS B 131 9.26 10.91 5.72
CA HIS B 131 9.13 10.83 7.21
C HIS B 131 10.48 10.33 7.82
N PRO B 132 10.70 10.52 9.12
CA PRO B 132 12.00 10.13 9.74
C PRO B 132 12.35 8.67 9.52
N GLY B 133 11.37 7.78 9.59
CA GLY B 133 11.63 6.35 9.41
C GLY B 133 12.23 5.99 8.05
N ALA B 134 12.05 6.87 7.06
CA ALA B 134 12.69 6.66 5.75
C ALA B 134 14.21 6.44 5.85
N GLU B 135 14.84 6.98 6.90
CA GLU B 135 16.29 6.86 7.01
C GLU B 135 16.75 5.42 7.29
N MET B 136 15.85 4.59 7.84
CA MET B 136 16.27 3.28 8.33
C MET B 136 16.63 2.34 7.19
N PHE B 137 15.78 2.29 6.17
CA PHE B 137 15.98 1.31 5.08
C PHE B 137 15.89 1.93 3.69
N ILE B 138 14.96 2.86 3.53
CA ILE B 138 14.68 3.38 2.18
C ILE B 138 15.83 4.29 1.70
N GLN B 139 16.28 5.17 2.56
CA GLN B 139 17.26 6.16 2.07
C GLN B 139 18.52 5.50 1.46
N GLY B 140 19.03 4.39 2.06
CA GLY B 140 20.23 3.78 1.55
C GLY B 140 20.03 3.04 0.24
N ALA B 141 18.76 2.79 -0.12
CA ALA B 141 18.42 2.18 -1.41
C ALA B 141 17.97 3.21 -2.48
N ALA B 142 17.69 4.45 -2.04
CA ALA B 142 16.90 5.44 -2.88
C ALA B 142 17.62 5.82 -4.17
N ASP B 143 18.95 6.02 -4.14
CA ASP B 143 19.64 6.36 -5.44
C ASP B 143 19.50 5.17 -6.41
N GLU B 144 19.69 3.96 -5.91
CA GLU B 144 19.57 2.80 -6.76
C GLU B 144 18.14 2.56 -7.29
N ILE B 145 17.15 2.74 -6.42
CA ILE B 145 15.76 2.76 -6.87
C ILE B 145 15.55 3.80 -8.01
N ALA B 146 16.09 5.02 -7.89
CA ALA B 146 15.91 6.02 -8.90
C ALA B 146 16.58 5.56 -10.21
N ARG B 147 17.80 4.99 -10.10
CA ARG B 147 18.47 4.47 -11.28
C ARG B 147 17.67 3.35 -11.94
N MET B 148 17.03 2.54 -11.10
CA MET B 148 16.16 1.48 -11.63
C MET B 148 15.00 2.12 -12.43
N GLY B 149 14.39 3.16 -11.87
CA GLY B 149 13.37 3.97 -12.57
C GLY B 149 13.88 4.39 -13.93
N VAL B 150 15.08 4.99 -13.99
CA VAL B 150 15.60 5.44 -15.28
C VAL B 150 15.74 4.24 -16.26
N ASP B 151 16.27 3.16 -15.76
CA ASP B 151 16.44 1.95 -16.59
C ASP B 151 15.11 1.40 -17.16
N LEU B 152 14.06 1.49 -16.35
CA LEU B 152 12.73 1.01 -16.71
C LEU B 152 12.01 2.00 -17.62
N GLY B 153 12.56 3.22 -17.77
CA GLY B 153 11.85 4.21 -18.57
C GLY B 153 10.80 5.03 -17.81
N VAL B 154 10.87 5.01 -16.47
CA VAL B 154 9.99 5.83 -15.69
C VAL B 154 10.28 7.31 -15.93
N LYS B 155 9.21 8.09 -16.15
CA LYS B 155 9.36 9.52 -16.35
C LYS B 155 8.91 10.39 -15.19
N ASN B 156 8.23 9.79 -14.19
CA ASN B 156 7.60 10.60 -13.10
C ASN B 156 8.03 10.03 -11.80
N TYR B 157 8.47 10.90 -10.89
CA TYR B 157 9.06 10.45 -9.64
C TYR B 157 8.54 11.26 -8.47
N VAL B 158 8.69 10.69 -7.26
CA VAL B 158 8.35 11.35 -6.00
C VAL B 158 9.55 11.25 -5.05
N GLY B 159 9.92 12.38 -4.45
CA GLY B 159 11.03 12.44 -3.46
C GLY B 159 10.72 13.51 -2.40
N PRO B 160 11.53 13.51 -1.32
CA PRO B 160 11.14 14.17 -0.09
C PRO B 160 11.50 15.64 0.07
N SER B 161 10.48 16.47 0.34
CA SER B 161 10.67 17.90 0.61
C SER B 161 11.51 18.15 1.89
N THR B 162 11.39 17.19 2.80
CA THR B 162 12.06 17.29 4.11
C THR B 162 13.59 17.07 4.07
N ARG B 163 14.12 16.57 2.93
CA ARG B 163 15.55 16.38 2.78
C ARG B 163 16.00 16.95 1.41
N PRO B 164 16.13 18.29 1.31
CA PRO B 164 16.41 18.89 0.01
C PRO B 164 17.66 18.40 -0.66
N GLU B 165 18.66 17.95 0.10
CA GLU B 165 19.88 17.39 -0.52
C GLU B 165 19.59 16.03 -1.19
N ARG B 166 18.68 15.27 -0.61
CA ARG B 166 18.23 14.00 -1.24
C ARG B 166 17.34 14.27 -2.46
N LEU B 167 16.47 15.26 -2.36
CA LEU B 167 15.63 15.65 -3.47
C LEU B 167 16.49 16.16 -4.62
N SER B 168 17.53 16.96 -4.28
CA SER B 168 18.50 17.41 -5.29
C SER B 168 19.18 16.22 -6.01
N ARG B 169 19.63 15.22 -5.24
CA ARG B 169 20.28 14.07 -5.80
C ARG B 169 19.33 13.27 -6.71
N LEU B 170 18.09 13.13 -6.28
CA LEU B 170 17.05 12.48 -7.12
C LEU B 170 16.88 13.19 -8.48
N ARG B 171 16.81 14.52 -8.45
CA ARG B 171 16.69 15.30 -9.67
C ARG B 171 17.93 15.07 -10.53
N GLU B 172 19.10 15.04 -9.91
CA GLU B 172 20.32 14.78 -10.68
C GLU B 172 20.25 13.46 -11.43
N ILE B 173 19.80 12.42 -10.71
CA ILE B 173 19.82 11.06 -11.29
C ILE B 173 18.84 11.02 -12.47
N ILE B 174 17.64 11.53 -12.26
CA ILE B 174 16.54 11.38 -13.28
C ILE B 174 16.64 12.41 -14.43
N GLY B 175 17.36 13.52 -14.18
CA GLY B 175 17.58 14.52 -15.22
C GLY B 175 16.47 15.56 -15.27
N GLN B 176 16.67 16.63 -16.05
CA GLN B 176 15.73 17.75 -16.02
C GLN B 176 14.48 17.50 -16.83
N ASP B 177 14.45 16.46 -17.66
CA ASP B 177 13.25 16.25 -18.41
C ASP B 177 12.24 15.26 -17.75
N SER B 178 12.66 14.63 -16.67
CA SER B 178 11.72 13.82 -15.86
C SER B 178 10.92 14.76 -15.01
N PHE B 179 9.75 14.28 -14.57
CA PHE B 179 8.85 15.09 -13.77
C PHE B 179 8.96 14.62 -12.34
N LEU B 180 9.07 15.58 -11.40
CA LEU B 180 9.33 15.24 -10.00
C LEU B 180 8.38 15.98 -9.12
N ILE B 181 7.66 15.24 -8.26
CA ILE B 181 6.74 15.93 -7.30
C ILE B 181 7.17 15.61 -5.90
N SER B 182 6.80 16.46 -4.92
CA SER B 182 7.44 16.30 -3.62
C SER B 182 6.48 16.65 -2.46
N PRO B 183 6.23 15.69 -1.55
CA PRO B 183 5.48 15.90 -0.32
C PRO B 183 6.44 16.15 0.81
N GLY B 184 5.79 16.55 1.91
CA GLY B 184 6.53 16.92 3.13
C GLY B 184 6.61 18.41 3.30
N VAL B 185 5.80 19.19 2.59
CA VAL B 185 5.86 20.66 2.63
C VAL B 185 4.86 21.11 3.68
N GLY B 186 5.30 21.96 4.60
CA GLY B 186 4.38 22.54 5.61
C GLY B 186 4.44 21.70 6.86
N ALA B 187 3.41 20.82 7.01
CA ALA B 187 3.25 20.09 8.24
C ALA B 187 4.50 19.27 8.62
N GLN B 188 5.17 18.66 7.65
CA GLN B 188 6.34 17.81 7.95
C GLN B 188 7.64 18.63 8.00
N GLY B 189 7.52 19.93 7.71
CA GLY B 189 8.64 20.88 7.88
C GLY B 189 9.34 21.34 6.57
N GLY B 190 8.99 20.79 5.41
CA GLY B 190 9.56 21.26 4.13
C GLY B 190 9.12 22.68 3.75
N ASP B 191 9.99 23.39 3.03
CA ASP B 191 9.73 24.74 2.53
C ASP B 191 9.29 24.70 1.07
N PRO B 192 8.18 25.39 0.73
CA PRO B 192 7.64 25.43 -0.63
C PRO B 192 8.68 25.90 -1.65
N GLY B 193 9.27 27.09 -1.45
CA GLY B 193 10.24 27.60 -2.36
C GLY B 193 11.51 26.77 -2.54
N GLU B 194 12.09 26.30 -1.44
CA GLU B 194 13.26 25.48 -1.51
C GLU B 194 12.95 24.17 -2.26
N THR B 195 11.78 23.61 -2.02
CA THR B 195 11.44 22.32 -2.63
C THR B 195 11.32 22.53 -4.15
N LEU B 196 10.79 23.67 -4.58
CA LEU B 196 10.60 23.96 -6.02
C LEU B 196 11.88 24.34 -6.77
N ARG B 197 13.01 24.45 -6.06
CA ARG B 197 14.34 24.42 -6.72
C ARG B 197 14.61 23.14 -7.50
N PHE B 198 14.01 22.04 -7.03
CA PHE B 198 14.33 20.71 -7.56
C PHE B 198 13.10 20.00 -8.10
N ALA B 199 11.96 20.10 -7.39
CA ALA B 199 10.70 19.48 -7.85
C ALA B 199 9.96 20.36 -8.81
N ASP B 200 9.24 19.75 -9.74
CA ASP B 200 8.32 20.48 -10.64
C ASP B 200 7.08 21.00 -9.90
N ALA B 201 6.60 20.24 -8.93
CA ALA B 201 5.40 20.60 -8.21
C ALA B 201 5.53 20.06 -6.79
N ILE B 202 4.91 20.76 -5.83
CA ILE B 202 4.87 20.32 -4.42
C ILE B 202 3.49 19.76 -4.07
N ILE B 203 3.49 18.79 -3.17
CA ILE B 203 2.29 18.23 -2.65
C ILE B 203 2.09 18.87 -1.28
N VAL B 204 0.85 19.35 -1.01
CA VAL B 204 0.55 19.95 0.29
C VAL B 204 -0.81 19.42 0.76
N GLY B 205 -0.86 18.84 1.97
CA GLY B 205 -2.07 18.29 2.57
C GLY B 205 -2.50 19.19 3.74
N ARG B 206 -1.98 18.86 4.92
CA ARG B 206 -2.54 19.43 6.17
C ARG B 206 -2.44 20.94 6.18
N SER B 207 -1.34 21.51 5.65
CA SER B 207 -1.17 23.01 5.70
C SER B 207 -2.33 23.72 5.01
N ILE B 208 -2.99 23.02 4.08
CA ILE B 208 -4.17 23.57 3.44
C ILE B 208 -5.44 23.00 4.06
N TYR B 209 -5.60 21.68 4.08
CA TYR B 209 -6.92 21.15 4.43
C TYR B 209 -7.28 21.26 5.92
N LEU B 210 -6.27 21.51 6.78
CA LEU B 210 -6.57 21.75 8.22
C LEU B 210 -6.62 23.24 8.53
N ALA B 211 -6.44 24.09 7.53
CA ALA B 211 -6.48 25.54 7.75
C ALA B 211 -7.92 26.01 7.99
N ASP B 212 -8.06 27.12 8.72
CA ASP B 212 -9.37 27.75 8.94
C ASP B 212 -9.95 28.29 7.63
N ASN B 213 -9.08 28.89 6.83
CA ASN B 213 -9.42 29.31 5.50
C ASN B 213 -8.44 28.60 4.51
N PRO B 214 -8.81 27.40 4.03
CA PRO B 214 -7.97 26.65 3.07
C PRO B 214 -7.62 27.49 1.83
N ALA B 215 -8.60 28.23 1.29
CA ALA B 215 -8.33 29.13 0.15
C ALA B 215 -7.19 30.11 0.47
N ALA B 216 -7.22 30.71 1.65
CA ALA B 216 -6.16 31.65 2.04
C ALA B 216 -4.80 30.96 2.25
N ALA B 217 -4.85 29.76 2.84
CA ALA B 217 -3.68 28.89 2.97
C ALA B 217 -3.02 28.59 1.62
N ALA B 218 -3.82 28.19 0.61
CA ALA B 218 -3.31 27.95 -0.77
C ALA B 218 -2.81 29.23 -1.46
N ALA B 219 -3.57 30.31 -1.30
CA ALA B 219 -3.18 31.60 -1.92
C ALA B 219 -1.84 32.03 -1.33
N GLY B 220 -1.69 31.86 -0.01
CA GLY B 220 -0.47 32.24 0.70
C GLY B 220 0.72 31.42 0.24
N ILE B 221 0.53 30.11 0.07
CA ILE B 221 1.59 29.27 -0.47
C ILE B 221 2.04 29.69 -1.89
N ILE B 222 1.08 29.95 -2.74
CA ILE B 222 1.33 30.31 -4.11
C ILE B 222 2.07 31.66 -4.12
N GLU B 223 1.68 32.57 -3.23
CA GLU B 223 2.34 33.86 -3.18
C GLU B 223 3.81 33.67 -2.79
N SER B 224 4.07 32.77 -1.83
CA SER B 224 5.44 32.57 -1.35
C SER B 224 6.37 32.07 -2.46
N ILE B 225 5.82 31.44 -3.49
CA ILE B 225 6.61 31.00 -4.62
C ILE B 225 6.39 31.89 -5.85
O3P 6CN C . 0.20 -16.33 -5.28
P 6CN C . -1.20 -16.48 -4.68
O1P 6CN C . -2.29 -16.36 -5.71
O2P 6CN C . -1.32 -17.78 -3.92
O5' 6CN C . -1.52 -15.29 -3.66
C5' 6CN C . -0.52 -14.70 -2.80
C4' 6CN C . -1.21 -13.52 -2.11
C3' 6CN C . -1.57 -12.39 -3.03
O3' 6CN C . -2.68 -11.73 -2.36
C2' 6CN C . -0.35 -11.47 -2.87
O2' 6CN C . -0.71 -10.07 -3.09
O4' 6CN C . -0.31 -13.04 -1.11
C1' 6CN C . 0.07 -11.66 -1.39
N1 6CN C . 1.49 -11.50 -1.10
C6 6CN C . 1.86 -10.53 -0.19
C5 6CN C . 3.21 -10.39 0.14
C4 6CN C . 4.17 -11.25 -0.48
O4 6CN C . 5.38 -11.08 -0.22
N3 6CN C . 3.78 -12.21 -1.40
C2 6CN C . 2.46 -12.31 -1.69
O2 6CN C . 2.14 -13.20 -2.50
C7 6CN C . 1.10 -10.51 1.02
N8 6CN C . 0.40 -10.61 1.95
O3P 6CN D . 2.12 16.18 5.15
P 6CN D . 0.89 16.60 4.38
O1P 6CN D . -0.37 16.64 5.21
O2P 6CN D . 1.16 17.85 3.60
O5' 6CN D . 0.58 15.42 3.35
C5' 6CN D . 1.62 14.74 2.66
C4' 6CN D . 0.89 13.68 1.80
C3' 6CN D . 0.17 12.59 2.57
O3' 6CN D . -0.93 12.12 1.71
C2' 6CN D . 1.21 11.50 2.69
O2' 6CN D . 0.56 10.21 2.86
O4' 6CN D . 1.84 12.97 0.94
C1' 6CN D . 1.91 11.59 1.32
N1 6CN D . 3.31 11.15 1.32
C6 6CN D . 3.64 10.15 0.49
C5 6CN D . 4.99 9.68 0.41
C4 6CN D . 5.92 10.31 1.27
O4 6CN D . 7.18 10.05 1.24
N3 6CN D . 5.54 11.33 2.08
C2 6CN D . 4.24 11.76 2.12
O2 6CN D . 3.93 12.68 2.93
C7 6CN D . 3.19 10.18 -0.90
N8 6CN D . 2.79 10.42 -1.98
#